data_5W4F
#
_entry.id   5W4F
#
_cell.length_a   79.005
_cell.length_b   89.819
_cell.length_c   99.541
_cell.angle_alpha   90.00
_cell.angle_beta   90.00
_cell.angle_gamma   90.00
#
_symmetry.space_group_name_H-M   'P 21 21 21'
#
loop_
_entity.id
_entity.type
_entity.pdbx_description
1 polymer 'Importin subunit alpha-1'
2 polymer 'DNA-directed DNA/RNA polymerase mu'
3 non-polymer GLYCEROL
4 water water
#
loop_
_entity_poly.entity_id
_entity_poly.type
_entity_poly.pdbx_seq_one_letter_code
_entity_poly.pdbx_strand_id
1 'polypeptide(L)'
;MHHHHHHSSGLVPRGSGMKETAAAKFERQHMDSPDLGTDDDDKAMADIGSNQGTVNWSVEDIVKGINSNNLESQLQATQA
ARKLLSREKQPPIDNIIRAGLIPKFVSFLGKTDCSPIQFESAWALTNIASGTSEQTKAVVDGGAIPAFISLLASPHAHIS
EQAVWALGNIAGDGSAFRDLVIKHGAIDPLLALLAVPDLSTLACGYLRNLTWTLSNLCRNKNPAPPLDAVEQILPTLVRL
LHHNDPEVLADSCWAISYLTDGPNERIEMVVKKGVVPQLVKLLGATELPIVTPALRAIGNIVTGTDEQTQKVIDAGALAV
FPSLLTNPKTNIQKEATWTMSNITAGRQDQIQQVVNHGLVPFLVGVLSKADFKTQKEAAWAITNYTSGGTVEQIVYLVHC
GIIEPLMNLLSAKDTKIIQVILDAISNIFQAAEKLGETEKLSIMIEECGGLDKIEALQRHENESVYKASLNLIEKYFSVE
EEEDQNVVPETTSEGFAFQVQDGAPGTFNF
;
B
2 'polypeptide(L)' LPKRRRARVGSPSGDAASSTPPSTRFPGV A,D
#
# COMPACT_ATOMS: atom_id res chain seq x y z
N GLY A 53 -12.05 -38.98 -12.10
CA GLY A 53 -12.48 -38.87 -13.49
C GLY A 53 -11.62 -37.91 -14.28
N THR A 54 -11.46 -36.68 -13.77
CA THR A 54 -10.63 -35.67 -14.44
C THR A 54 -9.38 -35.33 -13.64
N VAL A 55 -8.95 -36.26 -12.78
CA VAL A 55 -7.75 -36.05 -11.96
C VAL A 55 -6.46 -36.46 -12.69
N ASN A 56 -5.45 -35.59 -12.59
CA ASN A 56 -4.12 -35.84 -13.13
C ASN A 56 -4.05 -36.30 -14.59
N TRP A 57 -4.74 -35.59 -15.48
CA TRP A 57 -4.59 -35.87 -16.91
C TRP A 57 -3.27 -35.34 -17.41
N SER A 58 -2.74 -35.94 -18.46
CA SER A 58 -1.60 -35.36 -19.16
C SER A 58 -2.10 -34.21 -20.03
N VAL A 59 -1.21 -33.29 -20.37
CA VAL A 59 -1.55 -32.19 -21.26
C VAL A 59 -1.94 -32.73 -22.63
N GLU A 60 -1.30 -33.83 -23.02
N GLU A 60 -1.32 -33.84 -23.00
CA GLU A 60 -1.61 -34.50 -24.28
CA GLU A 60 -1.60 -34.47 -24.28
C GLU A 60 -3.07 -34.91 -24.33
C GLU A 60 -3.05 -34.95 -24.36
N ASP A 61 -3.55 -35.54 -23.27
CA ASP A 61 -4.94 -35.99 -23.20
C ASP A 61 -5.91 -34.80 -23.17
N ILE A 62 -5.54 -33.76 -22.45
CA ILE A 62 -6.36 -32.53 -22.44
C ILE A 62 -6.54 -31.99 -23.85
N VAL A 63 -5.43 -31.93 -24.59
CA VAL A 63 -5.49 -31.45 -25.95
C VAL A 63 -6.41 -32.31 -26.82
N LYS A 64 -6.29 -33.63 -26.68
CA LYS A 64 -7.10 -34.55 -27.47
C LYS A 64 -8.58 -34.31 -27.22
N GLY A 65 -8.96 -34.16 -25.95
CA GLY A 65 -10.34 -33.89 -25.60
C GLY A 65 -10.84 -32.54 -26.12
N ILE A 66 -10.03 -31.50 -25.94
CA ILE A 66 -10.43 -30.16 -26.39
C ILE A 66 -10.57 -30.08 -27.92
N ASN A 67 -9.75 -30.84 -28.63
CA ASN A 67 -9.82 -30.88 -30.09
C ASN A 67 -10.88 -31.84 -30.64
N SER A 68 -11.53 -32.60 -29.77
CA SER A 68 -12.59 -33.50 -30.21
C SER A 68 -13.75 -32.66 -30.72
N ASN A 69 -14.60 -33.23 -31.56
CA ASN A 69 -15.75 -32.46 -32.04
C ASN A 69 -16.93 -32.49 -31.05
N ASN A 70 -16.64 -32.79 -29.79
CA ASN A 70 -17.66 -33.20 -28.83
C ASN A 70 -17.65 -32.29 -27.60
N LEU A 71 -18.71 -31.48 -27.46
CA LEU A 71 -18.78 -30.48 -26.39
C LEU A 71 -18.59 -31.08 -25.01
N GLU A 72 -19.15 -32.26 -24.80
CA GLU A 72 -19.02 -32.89 -23.49
C GLU A 72 -17.59 -33.40 -23.27
N SER A 73 -16.97 -33.96 -24.31
CA SER A 73 -15.55 -34.33 -24.22
C SER A 73 -14.71 -33.07 -23.96
N GLN A 74 -15.07 -31.98 -24.61
CA GLN A 74 -14.35 -30.70 -24.42
C GLN A 74 -14.48 -30.23 -22.98
N LEU A 75 -15.68 -30.35 -22.43
CA LEU A 75 -15.94 -29.96 -21.04
C LEU A 75 -15.10 -30.76 -20.07
N GLN A 76 -15.05 -32.07 -20.24
CA GLN A 76 -14.27 -32.91 -19.34
C GLN A 76 -12.79 -32.57 -19.41
N ALA A 77 -12.29 -32.35 -20.62
CA ALA A 77 -10.88 -32.00 -20.80
C ALA A 77 -10.57 -30.62 -20.19
N THR A 78 -11.51 -29.68 -20.32
CA THR A 78 -11.33 -28.34 -19.76
C THR A 78 -11.29 -28.40 -18.24
N GLN A 79 -12.18 -29.20 -17.67
CA GLN A 79 -12.16 -29.42 -16.24
C GLN A 79 -10.85 -30.08 -15.80
N ALA A 80 -10.37 -31.04 -16.57
CA ALA A 80 -9.07 -31.66 -16.28
C ALA A 80 -7.94 -30.62 -16.26
N ALA A 81 -7.97 -29.70 -17.22
CA ALA A 81 -7.01 -28.58 -17.26
C ALA A 81 -7.14 -27.69 -16.03
N ARG A 82 -8.38 -27.38 -15.65
CA ARG A 82 -8.61 -26.58 -14.45
C ARG A 82 -7.98 -27.22 -13.20
N LYS A 83 -8.16 -28.53 -13.07
CA LYS A 83 -7.58 -29.24 -11.91
C LYS A 83 -6.06 -29.22 -11.92
N LEU A 84 -5.45 -29.43 -13.08
CA LEU A 84 -3.99 -29.28 -13.23
C LEU A 84 -3.55 -27.88 -12.80
N LEU A 85 -4.27 -26.87 -13.28
CA LEU A 85 -3.89 -25.47 -13.04
C LEU A 85 -4.16 -25.02 -11.60
N SER A 86 -4.92 -25.83 -10.86
CA SER A 86 -5.31 -25.48 -9.50
C SER A 86 -4.55 -26.25 -8.43
N ARG A 87 -3.64 -27.11 -8.84
CA ARG A 87 -2.94 -27.97 -7.90
C ARG A 87 -1.98 -27.14 -7.05
N GLU A 88 -1.65 -27.67 -5.87
CA GLU A 88 -0.90 -26.91 -4.88
C GLU A 88 0.49 -26.50 -5.37
N LYS A 89 1.18 -27.40 -6.05
CA LYS A 89 2.58 -27.17 -6.41
C LYS A 89 2.83 -27.14 -7.90
N GLN A 90 3.45 -26.05 -8.35
CA GLN A 90 3.97 -25.90 -9.70
C GLN A 90 2.96 -26.26 -10.81
N PRO A 91 1.85 -25.49 -10.92
CA PRO A 91 0.90 -25.74 -12.01
C PRO A 91 1.59 -25.58 -13.36
N PRO A 92 1.29 -26.47 -14.32
CA PRO A 92 2.00 -26.45 -15.60
C PRO A 92 1.46 -25.39 -16.56
N ILE A 93 1.57 -24.13 -16.17
CA ILE A 93 1.04 -23.03 -16.97
C ILE A 93 1.66 -22.95 -18.37
N ASP A 94 2.98 -22.95 -18.46
CA ASP A 94 3.64 -22.83 -19.76
C ASP A 94 3.31 -24.00 -20.69
N ASN A 95 3.21 -25.19 -20.12
CA ASN A 95 2.85 -26.36 -20.94
C ASN A 95 1.46 -26.21 -21.56
N ILE A 96 0.52 -25.68 -20.78
CA ILE A 96 -0.83 -25.42 -21.28
C ILE A 96 -0.81 -24.33 -22.35
N ILE A 97 -0.05 -23.25 -22.09
CA ILE A 97 0.07 -22.19 -23.10
C ILE A 97 0.68 -22.74 -24.37
N ARG A 98 1.77 -23.49 -24.22
CA ARG A 98 2.50 -24.04 -25.37
C ARG A 98 1.63 -24.99 -26.19
N ALA A 99 0.70 -25.68 -25.51
CA ALA A 99 -0.21 -26.59 -26.20
C ALA A 99 -1.24 -25.82 -27.03
N GLY A 100 -1.24 -24.49 -26.96
CA GLY A 100 -2.15 -23.69 -27.76
C GLY A 100 -3.58 -23.68 -27.25
N LEU A 101 -3.76 -23.95 -25.96
CA LEU A 101 -5.11 -24.08 -25.40
C LEU A 101 -5.86 -22.78 -25.09
N ILE A 102 -5.14 -21.66 -25.00
CA ILE A 102 -5.81 -20.40 -24.60
C ILE A 102 -6.96 -19.98 -25.52
N PRO A 103 -6.75 -19.97 -26.85
CA PRO A 103 -7.86 -19.56 -27.72
C PRO A 103 -9.11 -20.44 -27.59
N LYS A 104 -8.91 -21.72 -27.32
CA LYS A 104 -10.02 -22.66 -27.12
C LYS A 104 -10.77 -22.30 -25.85
N PHE A 105 -10.02 -22.14 -24.76
CA PHE A 105 -10.59 -21.67 -23.49
C PHE A 105 -11.38 -20.38 -23.69
N VAL A 106 -10.78 -19.44 -24.41
CA VAL A 106 -11.45 -18.17 -24.65
C VAL A 106 -12.75 -18.38 -25.43
N SER A 107 -12.74 -19.27 -26.43
CA SER A 107 -13.98 -19.50 -27.17
C SER A 107 -15.02 -20.15 -26.27
N PHE A 108 -14.59 -20.98 -25.33
CA PHE A 108 -15.54 -21.64 -24.43
C PHE A 108 -16.25 -20.64 -23.50
N LEU A 109 -15.62 -19.49 -23.25
CA LEU A 109 -16.23 -18.46 -22.41
C LEU A 109 -17.56 -17.98 -23.00
N GLY A 110 -17.68 -18.08 -24.32
CA GLY A 110 -18.84 -17.58 -25.03
C GLY A 110 -19.98 -18.58 -25.14
N LYS A 111 -19.76 -19.79 -24.67
CA LYS A 111 -20.78 -20.84 -24.81
C LYS A 111 -21.91 -20.73 -23.78
N THR A 112 -22.79 -19.78 -24.03
CA THR A 112 -23.91 -19.50 -23.13
C THR A 112 -24.74 -20.74 -22.90
N ASP A 113 -24.84 -21.56 -23.95
CA ASP A 113 -25.58 -22.82 -23.93
C ASP A 113 -25.02 -23.85 -22.96
N CYS A 114 -23.76 -23.71 -22.55
CA CYS A 114 -23.12 -24.68 -21.68
C CYS A 114 -22.37 -24.00 -20.52
N SER A 115 -23.13 -23.53 -19.53
CA SER A 115 -22.56 -22.85 -18.37
C SER A 115 -21.37 -23.57 -17.69
N PRO A 116 -21.42 -24.92 -17.54
CA PRO A 116 -20.24 -25.56 -16.91
C PRO A 116 -18.92 -25.34 -17.67
N ILE A 117 -18.92 -25.34 -19.00
CA ILE A 117 -17.67 -25.13 -19.70
C ILE A 117 -17.23 -23.66 -19.63
N GLN A 118 -18.19 -22.74 -19.54
CA GLN A 118 -17.86 -21.34 -19.27
C GLN A 118 -17.11 -21.22 -17.95
N PHE A 119 -17.61 -21.90 -16.93
CA PHE A 119 -16.99 -21.86 -15.61
C PHE A 119 -15.60 -22.48 -15.58
N GLU A 120 -15.46 -23.69 -16.12
CA GLU A 120 -14.17 -24.37 -16.12
C GLU A 120 -13.09 -23.59 -16.91
N SER A 121 -13.48 -23.06 -18.08
N SER A 121 -13.48 -23.08 -18.08
CA SER A 121 -12.56 -22.28 -18.90
CA SER A 121 -12.56 -22.28 -18.87
C SER A 121 -12.22 -20.93 -18.25
C SER A 121 -12.18 -21.01 -18.13
N ALA A 122 -13.19 -20.34 -17.54
CA ALA A 122 -12.94 -19.10 -16.79
C ALA A 122 -11.94 -19.33 -15.66
N TRP A 123 -12.12 -20.44 -14.94
CA TRP A 123 -11.23 -20.80 -13.85
C TRP A 123 -9.82 -21.14 -14.40
N ALA A 124 -9.76 -21.93 -15.46
CA ALA A 124 -8.46 -22.25 -16.08
C ALA A 124 -7.72 -20.97 -16.49
N LEU A 125 -8.41 -20.05 -17.15
CA LEU A 125 -7.78 -18.82 -17.63
C LEU A 125 -7.41 -17.90 -16.49
N THR A 126 -8.21 -17.88 -15.44
CA THR A 126 -7.88 -17.12 -14.23
C THR A 126 -6.52 -17.55 -13.70
N ASN A 127 -6.28 -18.85 -13.68
CA ASN A 127 -5.06 -19.38 -13.08
C ASN A 127 -3.85 -19.18 -13.97
N ILE A 128 -4.06 -19.23 -15.28
CA ILE A 128 -2.99 -18.87 -16.20
C ILE A 128 -2.64 -17.39 -15.99
N ALA A 129 -3.67 -16.54 -15.93
CA ALA A 129 -3.49 -15.09 -15.74
C ALA A 129 -2.88 -14.71 -14.39
N SER A 130 -2.89 -15.64 -13.43
CA SER A 130 -2.34 -15.38 -12.10
C SER A 130 -0.82 -15.47 -12.09
N GLY A 131 -0.22 -15.80 -13.22
CA GLY A 131 1.20 -16.10 -13.27
C GLY A 131 2.07 -14.89 -13.56
N THR A 132 3.11 -15.09 -14.35
CA THR A 132 4.03 -14.04 -14.76
C THR A 132 3.34 -13.08 -15.72
N SER A 133 3.97 -11.93 -15.98
CA SER A 133 3.43 -11.00 -16.96
C SER A 133 3.26 -11.65 -18.33
N GLU A 134 4.21 -12.50 -18.71
CA GLU A 134 4.12 -13.14 -20.01
C GLU A 134 2.93 -14.12 -20.07
N GLN A 135 2.64 -14.78 -18.96
CA GLN A 135 1.51 -15.68 -18.89
C GLN A 135 0.20 -14.89 -18.91
N THR A 136 0.13 -13.80 -18.15
CA THR A 136 -1.05 -12.94 -18.20
C THR A 136 -1.27 -12.39 -19.61
N LYS A 137 -0.18 -11.97 -20.26
CA LYS A 137 -0.27 -11.46 -21.62
C LYS A 137 -0.85 -12.50 -22.60
N ALA A 138 -0.47 -13.76 -22.44
CA ALA A 138 -1.00 -14.81 -23.32
C ALA A 138 -2.53 -14.85 -23.23
N VAL A 139 -3.05 -14.68 -22.02
CA VAL A 139 -4.49 -14.65 -21.81
C VAL A 139 -5.12 -13.42 -22.48
N VAL A 140 -4.55 -12.25 -22.23
CA VAL A 140 -5.04 -11.05 -22.90
C VAL A 140 -4.95 -11.18 -24.43
N ASP A 141 -3.83 -11.70 -24.92
CA ASP A 141 -3.63 -11.81 -26.37
C ASP A 141 -4.66 -12.73 -27.03
N GLY A 142 -5.22 -13.66 -26.25
CA GLY A 142 -6.26 -14.54 -26.76
C GLY A 142 -7.65 -13.90 -26.83
N GLY A 143 -7.75 -12.63 -26.45
CA GLY A 143 -9.03 -11.93 -26.51
C GLY A 143 -9.89 -12.14 -25.27
N ALA A 144 -9.25 -12.52 -24.17
CA ALA A 144 -10.00 -12.83 -22.95
C ALA A 144 -10.70 -11.63 -22.31
N ILE A 145 -10.17 -10.42 -22.47
CA ILE A 145 -10.74 -9.28 -21.74
C ILE A 145 -12.23 -9.03 -22.06
N PRO A 146 -12.59 -8.83 -23.34
CA PRO A 146 -14.02 -8.58 -23.55
C PRO A 146 -14.88 -9.82 -23.24
N ALA A 147 -14.31 -11.00 -23.38
CA ALA A 147 -15.05 -12.21 -23.08
C ALA A 147 -15.37 -12.31 -21.58
N PHE A 148 -14.40 -11.95 -20.73
CA PHE A 148 -14.67 -11.92 -19.29
C PHE A 148 -15.66 -10.81 -18.89
N ILE A 149 -15.56 -9.65 -19.53
CA ILE A 149 -16.48 -8.56 -19.22
C ILE A 149 -17.91 -8.97 -19.56
N SER A 150 -18.09 -9.69 -20.66
CA SER A 150 -19.42 -10.20 -21.01
C SER A 150 -19.96 -11.16 -19.95
N LEU A 151 -19.06 -11.93 -19.34
CA LEU A 151 -19.49 -12.89 -18.32
C LEU A 151 -19.87 -12.23 -16.98
N LEU A 152 -19.51 -10.96 -16.80
CA LEU A 152 -19.92 -10.24 -15.59
C LEU A 152 -21.45 -10.23 -15.46
N ALA A 153 -22.15 -10.24 -16.60
CA ALA A 153 -23.61 -10.22 -16.62
C ALA A 153 -24.27 -11.61 -16.59
N SER A 154 -23.47 -12.65 -16.41
CA SER A 154 -23.99 -14.01 -16.32
C SER A 154 -25.00 -14.17 -15.18
N PRO A 155 -26.09 -14.92 -15.42
CA PRO A 155 -27.07 -15.23 -14.38
C PRO A 155 -26.53 -16.22 -13.36
N HIS A 156 -25.39 -16.85 -13.65
CA HIS A 156 -24.78 -17.78 -12.71
C HIS A 156 -23.74 -17.06 -11.88
N ALA A 157 -23.98 -17.01 -10.58
CA ALA A 157 -23.14 -16.23 -9.68
C ALA A 157 -21.70 -16.72 -9.67
N HIS A 158 -21.52 -18.04 -9.70
CA HIS A 158 -20.18 -18.62 -9.64
C HIS A 158 -19.38 -18.29 -10.92
N ILE A 159 -20.07 -18.02 -12.01
CA ILE A 159 -19.43 -17.69 -13.27
C ILE A 159 -19.05 -16.20 -13.34
N SER A 160 -19.97 -15.34 -12.93
N SER A 160 -19.98 -15.34 -12.93
CA SER A 160 -19.69 -13.90 -12.89
CA SER A 160 -19.72 -13.91 -12.85
C SER A 160 -18.54 -13.66 -11.90
C SER A 160 -18.55 -13.66 -11.90
N GLU A 161 -18.55 -14.36 -10.77
CA GLU A 161 -17.47 -14.28 -9.80
C GLU A 161 -16.11 -14.68 -10.38
N GLN A 162 -16.10 -15.73 -11.20
CA GLN A 162 -14.85 -16.18 -11.79
C GLN A 162 -14.32 -15.14 -12.79
N ALA A 163 -15.25 -14.49 -13.50
CA ALA A 163 -14.88 -13.44 -14.45
C ALA A 163 -14.32 -12.23 -13.71
N VAL A 164 -14.95 -11.87 -12.58
CA VAL A 164 -14.40 -10.84 -11.69
C VAL A 164 -12.95 -11.16 -11.28
N TRP A 165 -12.74 -12.39 -10.83
CA TRP A 165 -11.44 -12.86 -10.42
C TRP A 165 -10.40 -12.75 -11.56
N ALA A 166 -10.77 -13.25 -12.73
CA ALA A 166 -9.84 -13.20 -13.87
C ALA A 166 -9.45 -11.77 -14.23
N LEU A 167 -10.41 -10.86 -14.21
CA LEU A 167 -10.15 -9.45 -14.54
C LEU A 167 -9.24 -8.81 -13.48
N GLY A 168 -9.41 -9.22 -12.22
CA GLY A 168 -8.52 -8.80 -11.15
C GLY A 168 -7.06 -9.17 -11.42
N ASN A 169 -6.83 -10.40 -11.86
CA ASN A 169 -5.47 -10.83 -12.24
C ASN A 169 -4.91 -10.07 -13.43
N ILE A 170 -5.73 -9.84 -14.44
CA ILE A 170 -5.30 -9.09 -15.61
C ILE A 170 -4.95 -7.65 -15.23
N ALA A 171 -5.86 -6.98 -14.55
CA ALA A 171 -5.62 -5.60 -14.09
C ALA A 171 -4.44 -5.55 -13.14
N GLY A 172 -4.29 -6.56 -12.29
CA GLY A 172 -3.21 -6.63 -11.33
C GLY A 172 -1.81 -6.73 -11.95
N ASP A 173 -1.73 -7.00 -13.24
CA ASP A 173 -0.41 -7.15 -13.86
C ASP A 173 0.35 -5.83 -13.93
N GLY A 174 -0.38 -4.73 -14.08
CA GLY A 174 0.29 -3.44 -14.19
C GLY A 174 -0.59 -2.42 -14.87
N SER A 175 -0.06 -1.21 -15.00
N SER A 175 -0.07 -1.21 -15.00
CA SER A 175 -0.82 -0.07 -15.46
CA SER A 175 -0.88 -0.08 -15.45
C SER A 175 -1.43 -0.26 -16.85
C SER A 175 -1.43 -0.24 -16.87
N ALA A 176 -0.66 -0.82 -17.79
CA ALA A 176 -1.17 -0.98 -19.16
C ALA A 176 -2.40 -1.89 -19.21
N PHE A 177 -2.30 -3.07 -18.62
CA PHE A 177 -3.44 -4.00 -18.65
C PHE A 177 -4.61 -3.49 -17.80
N ARG A 178 -4.29 -2.82 -16.68
CA ARG A 178 -5.31 -2.16 -15.89
C ARG A 178 -6.12 -1.20 -16.77
N ASP A 179 -5.41 -0.32 -17.45
CA ASP A 179 -6.05 0.67 -18.31
C ASP A 179 -6.75 0.02 -19.51
N LEU A 180 -6.24 -1.12 -19.96
CA LEU A 180 -6.89 -1.81 -21.09
C LEU A 180 -8.22 -2.44 -20.65
N VAL A 181 -8.23 -3.04 -19.46
CA VAL A 181 -9.46 -3.56 -18.86
C VAL A 181 -10.48 -2.42 -18.71
N ILE A 182 -10.02 -1.25 -18.28
CA ILE A 182 -10.89 -0.09 -18.15
C ILE A 182 -11.45 0.35 -19.52
N LYS A 183 -10.59 0.38 -20.54
CA LYS A 183 -11.04 0.81 -21.87
C LYS A 183 -12.08 -0.16 -22.46
N HIS A 184 -11.98 -1.45 -22.14
CA HIS A 184 -12.96 -2.44 -22.62
C HIS A 184 -14.31 -2.33 -21.88
N GLY A 185 -14.37 -1.45 -20.88
CA GLY A 185 -15.65 -1.12 -20.23
C GLY A 185 -15.96 -1.96 -19.01
N ALA A 186 -14.94 -2.37 -18.26
CA ALA A 186 -15.17 -3.26 -17.12
C ALA A 186 -15.84 -2.59 -15.93
N ILE A 187 -15.62 -1.29 -15.75
CA ILE A 187 -16.03 -0.65 -14.49
C ILE A 187 -17.56 -0.66 -14.29
N ASP A 188 -18.32 -0.23 -15.30
CA ASP A 188 -19.79 -0.23 -15.18
C ASP A 188 -20.39 -1.58 -14.71
N PRO A 189 -20.09 -2.69 -15.43
CA PRO A 189 -20.67 -3.95 -14.95
C PRO A 189 -20.12 -4.45 -13.61
N LEU A 190 -18.87 -4.13 -13.28
CA LEU A 190 -18.34 -4.52 -11.98
C LEU A 190 -19.13 -3.78 -10.90
N LEU A 191 -19.31 -2.48 -11.08
CA LEU A 191 -19.98 -1.67 -10.05
C LEU A 191 -21.46 -2.07 -9.92
N ALA A 192 -22.04 -2.48 -11.04
CA ALA A 192 -23.43 -2.91 -11.06
C ALA A 192 -23.65 -4.12 -10.17
N LEU A 193 -22.63 -4.98 -10.04
CA LEU A 193 -22.77 -6.16 -9.18
C LEU A 193 -22.87 -5.76 -7.70
N LEU A 194 -22.42 -4.54 -7.38
CA LEU A 194 -22.44 -4.07 -6.00
C LEU A 194 -23.58 -3.09 -5.73
N ALA A 195 -24.44 -2.87 -6.72
CA ALA A 195 -25.55 -1.93 -6.57
C ALA A 195 -26.73 -2.63 -5.90
N VAL A 196 -26.56 -2.93 -4.62
CA VAL A 196 -27.61 -3.53 -3.79
C VAL A 196 -27.80 -2.65 -2.56
N PRO A 197 -29.01 -2.67 -1.96
CA PRO A 197 -29.24 -1.83 -0.77
C PRO A 197 -28.33 -2.20 0.39
N ASP A 198 -28.04 -3.47 0.56
CA ASP A 198 -27.20 -3.90 1.67
C ASP A 198 -26.19 -4.95 1.23
N LEU A 199 -24.90 -4.61 1.34
CA LEU A 199 -23.81 -5.48 0.90
C LEU A 199 -23.84 -6.83 1.60
N SER A 200 -24.41 -6.86 2.80
CA SER A 200 -24.51 -8.11 3.58
C SER A 200 -25.32 -9.22 2.91
N THR A 201 -26.13 -8.87 1.91
CA THR A 201 -26.90 -9.90 1.24
C THR A 201 -26.08 -10.66 0.21
N LEU A 202 -24.91 -10.12 -0.15
CA LEU A 202 -24.05 -10.78 -1.12
C LEU A 202 -23.27 -11.89 -0.44
N ALA A 203 -22.97 -12.94 -1.18
CA ALA A 203 -22.10 -13.99 -0.65
C ALA A 203 -20.75 -13.37 -0.31
N CYS A 204 -20.20 -13.80 0.80
CA CYS A 204 -18.98 -13.24 1.33
C CYS A 204 -17.78 -13.40 0.37
N GLY A 205 -17.58 -14.58 -0.18
CA GLY A 205 -16.44 -14.82 -1.06
C GLY A 205 -16.54 -13.94 -2.29
N TYR A 206 -17.77 -13.81 -2.78
N TYR A 206 -17.76 -13.80 -2.79
CA TYR A 206 -18.11 -13.00 -3.94
CA TYR A 206 -18.06 -12.99 -3.96
C TYR A 206 -17.75 -11.53 -3.72
C TYR A 206 -17.73 -11.51 -3.72
N LEU A 207 -18.20 -10.98 -2.59
CA LEU A 207 -17.91 -9.59 -2.24
C LEU A 207 -16.39 -9.35 -2.07
N ARG A 208 -15.70 -10.30 -1.46
CA ARG A 208 -14.26 -10.18 -1.28
C ARG A 208 -13.53 -10.13 -2.62
N ASN A 209 -13.96 -10.99 -3.56
CA ASN A 209 -13.38 -10.99 -4.88
C ASN A 209 -13.62 -9.69 -5.63
N LEU A 210 -14.83 -9.16 -5.55
CA LEU A 210 -15.15 -7.89 -6.18
C LEU A 210 -14.32 -6.75 -5.59
N THR A 211 -14.21 -6.72 -4.27
CA THR A 211 -13.43 -5.67 -3.61
C THR A 211 -11.96 -5.72 -4.05
N TRP A 212 -11.40 -6.93 -4.07
CA TRP A 212 -10.03 -7.13 -4.50
C TRP A 212 -9.80 -6.67 -5.95
N THR A 213 -10.68 -7.08 -6.86
CA THR A 213 -10.57 -6.66 -8.25
C THR A 213 -10.65 -5.13 -8.41
N LEU A 214 -11.64 -4.51 -7.76
CA LEU A 214 -11.71 -3.04 -7.75
C LEU A 214 -10.42 -2.40 -7.22
N SER A 215 -9.80 -3.01 -6.20
CA SER A 215 -8.53 -2.45 -5.69
C SER A 215 -7.42 -2.52 -6.73
N ASN A 216 -7.39 -3.57 -7.55
CA ASN A 216 -6.40 -3.63 -8.64
C ASN A 216 -6.65 -2.59 -9.73
N LEU A 217 -7.90 -2.20 -9.91
CA LEU A 217 -8.19 -1.10 -10.86
C LEU A 217 -7.69 0.23 -10.32
N CYS A 218 -7.50 0.32 -9.01
CA CYS A 218 -6.97 1.53 -8.36
C CYS A 218 -5.45 1.52 -8.24
N ARG A 219 -4.87 0.35 -8.49
CA ARG A 219 -3.46 0.10 -8.20
C ARG A 219 -2.51 0.57 -9.31
N ASN A 220 -1.26 0.88 -8.93
CA ASN A 220 -0.15 1.22 -9.82
C ASN A 220 -0.10 2.67 -10.31
N LYS A 221 1.10 3.09 -10.70
CA LYS A 221 1.35 4.47 -11.12
C LYS A 221 2.17 4.46 -12.39
N ASN A 222 2.51 5.64 -12.89
CA ASN A 222 3.19 5.75 -14.18
C ASN A 222 2.52 4.97 -15.33
N PRO A 223 1.28 5.33 -15.66
CA PRO A 223 0.50 6.38 -14.99
C PRO A 223 -0.41 5.83 -13.90
N ALA A 224 -0.92 6.73 -13.07
CA ALA A 224 -2.00 6.45 -12.14
C ALA A 224 -3.27 6.17 -12.94
N PRO A 225 -4.29 5.56 -12.31
CA PRO A 225 -5.49 5.22 -13.09
C PRO A 225 -6.16 6.49 -13.63
N PRO A 226 -6.92 6.39 -14.73
CA PRO A 226 -7.59 7.57 -15.30
C PRO A 226 -8.43 8.25 -14.23
N LEU A 227 -8.38 9.57 -14.19
CA LEU A 227 -9.14 10.33 -13.19
C LEU A 227 -10.62 9.99 -13.19
N ASP A 228 -11.21 9.86 -14.39
N ASP A 228 -11.21 9.84 -14.38
CA ASP A 228 -12.63 9.55 -14.51
CA ASP A 228 -12.64 9.56 -14.49
C ASP A 228 -12.96 8.18 -13.92
C ASP A 228 -12.99 8.16 -13.97
N ALA A 229 -12.07 7.22 -14.12
CA ALA A 229 -12.26 5.87 -13.57
C ALA A 229 -12.23 5.92 -12.03
N VAL A 230 -11.29 6.69 -11.50
CA VAL A 230 -11.16 6.83 -10.06
C VAL A 230 -12.44 7.46 -9.48
N GLU A 231 -12.96 8.49 -10.15
CA GLU A 231 -14.17 9.16 -9.68
C GLU A 231 -15.35 8.22 -9.72
N GLN A 232 -15.39 7.38 -10.74
CA GLN A 232 -16.45 6.42 -10.91
C GLN A 232 -16.43 5.37 -9.79
N ILE A 233 -15.24 4.92 -9.42
CA ILE A 233 -15.08 3.84 -8.44
C ILE A 233 -15.24 4.31 -7.00
N LEU A 234 -14.79 5.53 -6.71
CA LEU A 234 -14.70 5.99 -5.31
C LEU A 234 -15.95 5.82 -4.43
N PRO A 235 -17.15 6.20 -4.95
CA PRO A 235 -18.33 6.07 -4.07
C PRO A 235 -18.61 4.64 -3.64
N THR A 236 -18.28 3.66 -4.47
CA THR A 236 -18.46 2.27 -4.08
C THR A 236 -17.37 1.87 -3.09
N LEU A 237 -16.15 2.31 -3.34
CA LEU A 237 -15.06 2.09 -2.39
C LEU A 237 -15.42 2.64 -1.00
N VAL A 238 -15.99 3.83 -0.95
CA VAL A 238 -16.37 4.42 0.34
C VAL A 238 -17.34 3.50 1.08
N ARG A 239 -18.28 2.93 0.33
CA ARG A 239 -19.27 2.02 0.88
CA ARG A 239 -19.25 2.03 0.91
C ARG A 239 -18.62 0.72 1.38
N LEU A 240 -17.65 0.20 0.64
CA LEU A 240 -16.97 -1.04 1.03
C LEU A 240 -16.14 -0.83 2.29
N LEU A 241 -15.59 0.38 2.42
CA LEU A 241 -14.77 0.74 3.58
C LEU A 241 -15.59 0.73 4.88
N HIS A 242 -16.92 0.73 4.75
CA HIS A 242 -17.81 0.67 5.90
C HIS A 242 -18.41 -0.71 6.12
N HIS A 243 -18.02 -1.67 5.29
CA HIS A 243 -18.55 -3.03 5.42
C HIS A 243 -17.88 -3.76 6.59
N ASN A 244 -18.54 -4.74 7.18
CA ASN A 244 -17.96 -5.34 8.40
C ASN A 244 -17.04 -6.56 8.21
N ASP A 245 -16.80 -6.97 6.96
CA ASP A 245 -15.89 -8.10 6.73
C ASP A 245 -14.42 -7.68 6.74
N PRO A 246 -13.57 -8.38 7.53
CA PRO A 246 -12.16 -7.99 7.68
C PRO A 246 -11.38 -8.00 6.37
N GLU A 247 -11.65 -8.96 5.49
CA GLU A 247 -10.96 -9.01 4.20
C GLU A 247 -11.40 -7.90 3.25
N VAL A 248 -12.69 -7.61 3.23
CA VAL A 248 -13.22 -6.50 2.44
C VAL A 248 -12.62 -5.17 2.94
N LEU A 249 -12.62 -4.99 4.26
CA LEU A 249 -11.99 -3.81 4.87
C LEU A 249 -10.51 -3.72 4.48
N ALA A 250 -9.78 -4.82 4.56
CA ALA A 250 -8.36 -4.79 4.20
C ALA A 250 -8.14 -4.33 2.75
N ASP A 251 -8.84 -4.97 1.83
CA ASP A 251 -8.66 -4.62 0.41
C ASP A 251 -9.19 -3.23 0.06
N SER A 252 -10.23 -2.78 0.76
CA SER A 252 -10.74 -1.40 0.59
C SER A 252 -9.69 -0.39 1.03
N CYS A 253 -9.07 -0.64 2.18
CA CYS A 253 -7.93 0.17 2.62
C CYS A 253 -6.77 0.13 1.64
N TRP A 254 -6.43 -1.05 1.12
CA TRP A 254 -5.38 -1.11 0.10
C TRP A 254 -5.71 -0.20 -1.08
N ALA A 255 -6.94 -0.28 -1.57
CA ALA A 255 -7.37 0.54 -2.71
C ALA A 255 -7.17 2.03 -2.39
N ILE A 256 -7.62 2.46 -1.21
CA ILE A 256 -7.47 3.85 -0.81
C ILE A 256 -5.99 4.22 -0.70
N SER A 257 -5.18 3.29 -0.21
CA SER A 257 -3.75 3.56 -0.10
C SER A 257 -3.13 3.77 -1.48
N TYR A 258 -3.60 3.03 -2.48
CA TYR A 258 -3.10 3.21 -3.84
C TYR A 258 -3.51 4.57 -4.36
N LEU A 259 -4.77 4.93 -4.13
CA LEU A 259 -5.31 6.19 -4.67
C LEU A 259 -4.67 7.43 -4.06
N THR A 260 -4.19 7.32 -2.83
CA THR A 260 -3.58 8.45 -2.13
C THR A 260 -2.07 8.47 -2.31
N ASP A 261 -1.56 7.49 -3.04
CA ASP A 261 -0.13 7.43 -3.36
C ASP A 261 0.12 8.19 -4.66
N GLY A 262 0.22 9.51 -4.56
CA GLY A 262 0.41 10.37 -5.72
C GLY A 262 0.42 11.83 -5.34
N PRO A 263 0.27 12.74 -6.32
CA PRO A 263 0.27 14.19 -6.08
C PRO A 263 -0.96 14.64 -5.28
N ASN A 264 -0.93 15.88 -4.81
CA ASN A 264 -1.97 16.39 -3.90
C ASN A 264 -3.37 16.31 -4.46
N GLU A 265 -3.48 16.42 -5.78
CA GLU A 265 -4.77 16.40 -6.44
C GLU A 265 -5.41 15.02 -6.31
N ARG A 266 -4.60 13.98 -6.38
CA ARG A 266 -5.10 12.62 -6.21
C ARG A 266 -5.57 12.41 -4.76
N ILE A 267 -4.72 12.81 -3.82
CA ILE A 267 -5.07 12.78 -2.39
C ILE A 267 -6.40 13.50 -2.13
N GLU A 268 -6.55 14.68 -2.72
CA GLU A 268 -7.74 15.49 -2.52
C GLU A 268 -9.03 14.78 -2.96
N MET A 269 -8.96 14.05 -4.08
CA MET A 269 -10.12 13.29 -4.55
C MET A 269 -10.64 12.32 -3.50
N VAL A 270 -9.71 11.74 -2.75
CA VAL A 270 -10.08 10.79 -1.70
C VAL A 270 -10.58 11.52 -0.44
N VAL A 271 -9.79 12.49 0.00
CA VAL A 271 -10.12 13.23 1.23
C VAL A 271 -11.49 13.91 1.13
N LYS A 272 -11.76 14.50 -0.03
CA LYS A 272 -13.06 15.13 -0.29
C LYS A 272 -14.25 14.18 -0.10
N LYS A 273 -14.01 12.88 -0.26
CA LYS A 273 -15.07 11.87 -0.08
C LYS A 273 -15.39 11.61 1.40
N GLY A 274 -14.62 12.21 2.29
CA GLY A 274 -14.90 12.15 3.71
C GLY A 274 -14.53 10.86 4.42
N VAL A 275 -13.60 10.11 3.83
CA VAL A 275 -13.19 8.80 4.37
C VAL A 275 -12.16 8.84 5.52
N VAL A 276 -11.52 9.98 5.75
CA VAL A 276 -10.46 10.04 6.76
C VAL A 276 -10.86 9.51 8.16
N PRO A 277 -12.03 9.95 8.69
CA PRO A 277 -12.49 9.37 9.98
C PRO A 277 -12.60 7.85 9.96
N GLN A 278 -13.15 7.27 8.89
CA GLN A 278 -13.23 5.82 8.83
C GLN A 278 -11.84 5.18 8.77
N LEU A 279 -10.91 5.80 8.05
CA LEU A 279 -9.53 5.30 8.01
C LEU A 279 -8.88 5.30 9.39
N VAL A 280 -9.13 6.36 10.16
CA VAL A 280 -8.58 6.47 11.50
C VAL A 280 -9.19 5.41 12.41
N LYS A 281 -10.48 5.17 12.27
CA LYS A 281 -11.11 4.07 13.01
C LYS A 281 -10.44 2.71 12.67
N LEU A 282 -10.18 2.49 11.39
CA LEU A 282 -9.58 1.20 10.99
C LEU A 282 -8.13 1.12 11.45
N LEU A 283 -7.51 2.29 11.58
CA LEU A 283 -6.15 2.38 12.09
C LEU A 283 -6.06 1.73 13.48
N GLY A 284 -7.18 1.74 14.20
CA GLY A 284 -7.24 1.13 15.52
C GLY A 284 -7.72 -0.30 15.56
N ALA A 285 -7.88 -0.93 14.39
CA ALA A 285 -8.37 -2.31 14.34
C ALA A 285 -7.39 -3.30 14.95
N THR A 286 -7.91 -4.43 15.41
CA THR A 286 -7.05 -5.45 16.02
C THR A 286 -6.34 -6.26 14.94
N GLU A 287 -6.93 -6.33 13.75
CA GLU A 287 -6.37 -7.12 12.66
C GLU A 287 -5.24 -6.38 11.93
N LEU A 288 -4.03 -6.91 12.04
CA LEU A 288 -2.87 -6.39 11.31
C LEU A 288 -3.08 -6.21 9.79
N PRO A 289 -3.78 -7.16 9.12
CA PRO A 289 -4.02 -6.92 7.68
C PRO A 289 -4.91 -5.71 7.39
N ILE A 290 -5.63 -5.20 8.38
CA ILE A 290 -6.36 -3.95 8.21
C ILE A 290 -5.49 -2.75 8.60
N VAL A 291 -4.83 -2.83 9.76
CA VAL A 291 -4.00 -1.70 10.21
C VAL A 291 -2.94 -1.33 9.18
N THR A 292 -2.32 -2.34 8.56
CA THR A 292 -1.24 -2.08 7.61
C THR A 292 -1.66 -1.13 6.46
N PRO A 293 -2.72 -1.47 5.69
CA PRO A 293 -3.06 -0.54 4.60
C PRO A 293 -3.74 0.74 5.11
N ALA A 294 -4.48 0.70 6.21
CA ALA A 294 -5.06 1.91 6.79
C ALA A 294 -3.94 2.89 7.15
N LEU A 295 -2.88 2.39 7.76
CA LEU A 295 -1.76 3.26 8.12
C LEU A 295 -1.03 3.79 6.88
N ARG A 296 -0.88 2.93 5.88
CA ARG A 296 -0.25 3.37 4.65
C ARG A 296 -1.03 4.53 3.98
N ALA A 297 -2.36 4.42 3.99
CA ALA A 297 -3.23 5.43 3.41
C ALA A 297 -3.12 6.74 4.20
N ILE A 298 -3.13 6.62 5.52
CA ILE A 298 -3.01 7.80 6.36
C ILE A 298 -1.66 8.48 6.15
N GLY A 299 -0.60 7.68 6.10
CA GLY A 299 0.74 8.17 5.82
C GLY A 299 0.81 8.87 4.48
N ASN A 300 0.14 8.33 3.47
CA ASN A 300 0.13 8.96 2.15
C ASN A 300 -0.55 10.31 2.20
N ILE A 301 -1.68 10.37 2.90
CA ILE A 301 -2.44 11.59 2.99
C ILE A 301 -1.63 12.74 3.63
N VAL A 302 -0.84 12.43 4.66
CA VAL A 302 -0.09 13.49 5.32
C VAL A 302 1.15 13.91 4.53
N THR A 303 1.38 13.30 3.37
CA THR A 303 2.42 13.80 2.46
C THR A 303 1.86 14.95 1.64
N GLY A 304 0.57 15.25 1.82
CA GLY A 304 -0.12 16.25 1.02
C GLY A 304 0.02 17.65 1.60
N THR A 305 -1.01 18.49 1.42
CA THR A 305 -0.98 19.86 1.92
C THR A 305 -1.20 19.86 3.42
N ASP A 306 -0.90 20.99 4.08
CA ASP A 306 -1.13 21.10 5.51
C ASP A 306 -2.60 20.95 5.84
N GLU A 307 -3.45 21.40 4.92
CA GLU A 307 -4.90 21.30 5.11
C GLU A 307 -5.34 19.83 5.06
N GLN A 308 -4.71 19.05 4.20
CA GLN A 308 -5.04 17.61 4.10
C GLN A 308 -4.57 16.90 5.37
N THR A 309 -3.36 17.23 5.81
CA THR A 309 -2.83 16.71 7.08
C THR A 309 -3.76 17.03 8.24
N GLN A 310 -4.30 18.24 8.26
CA GLN A 310 -5.18 18.65 9.35
C GLN A 310 -6.43 17.77 9.47
N LYS A 311 -6.93 17.26 8.34
CA LYS A 311 -8.09 16.38 8.36
C LYS A 311 -7.76 15.10 9.14
N VAL A 312 -6.54 14.60 8.94
CA VAL A 312 -6.07 13.42 9.67
C VAL A 312 -5.99 13.70 11.18
N ILE A 313 -5.42 14.85 11.54
CA ILE A 313 -5.34 15.26 12.94
C ILE A 313 -6.73 15.47 13.52
N ASP A 314 -7.57 16.24 12.82
CA ASP A 314 -8.95 16.47 13.25
C ASP A 314 -9.72 15.19 13.52
N ALA A 315 -9.42 14.15 12.74
CA ALA A 315 -10.14 12.89 12.85
C ALA A 315 -9.71 12.03 14.04
N GLY A 316 -8.70 12.48 14.77
CA GLY A 316 -8.27 11.78 15.97
C GLY A 316 -7.09 10.84 15.80
N ALA A 317 -6.41 10.92 14.66
CA ALA A 317 -5.34 9.96 14.35
C ALA A 317 -4.22 9.92 15.39
N LEU A 318 -3.88 11.07 15.96
CA LEU A 318 -2.72 11.12 16.84
C LEU A 318 -2.89 10.27 18.09
N ALA A 319 -4.13 10.07 18.54
CA ALA A 319 -4.38 9.28 19.74
C ALA A 319 -4.03 7.81 19.55
N VAL A 320 -3.88 7.36 18.30
CA VAL A 320 -3.53 5.96 18.03
C VAL A 320 -2.01 5.76 18.02
N PHE A 321 -1.24 6.82 17.93
CA PHE A 321 0.19 6.65 17.73
C PHE A 321 0.99 6.15 18.93
N PRO A 322 0.57 6.36 20.19
CA PRO A 322 1.26 5.63 21.27
C PRO A 322 1.37 4.13 21.01
N SER A 323 0.28 3.50 20.54
CA SER A 323 0.31 2.07 20.21
C SER A 323 1.12 1.80 18.95
N LEU A 324 0.93 2.60 17.90
CA LEU A 324 1.60 2.35 16.63
C LEU A 324 3.12 2.50 16.77
N LEU A 325 3.55 3.50 17.53
CA LEU A 325 4.99 3.74 17.68
C LEU A 325 5.68 2.74 18.60
N THR A 326 4.90 1.87 19.25
CA THR A 326 5.47 0.78 20.04
C THR A 326 4.98 -0.56 19.55
N ASN A 327 4.39 -0.59 18.36
CA ASN A 327 3.82 -1.83 17.81
C ASN A 327 4.90 -2.89 17.61
N PRO A 328 4.61 -4.14 18.01
CA PRO A 328 5.61 -5.21 17.88
C PRO A 328 5.96 -5.54 16.42
N LYS A 329 5.10 -5.20 15.46
CA LYS A 329 5.47 -5.41 14.05
C LYS A 329 6.35 -4.27 13.58
N THR A 330 7.59 -4.57 13.18
CA THR A 330 8.54 -3.50 12.83
C THR A 330 8.06 -2.61 11.68
N ASN A 331 7.38 -3.19 10.71
N ASN A 331 7.38 -3.21 10.71
CA ASN A 331 6.89 -2.39 9.60
CA ASN A 331 6.86 -2.43 9.60
C ASN A 331 5.80 -1.38 9.99
C ASN A 331 5.86 -1.35 10.04
N ILE A 332 5.02 -1.70 11.01
CA ILE A 332 4.05 -0.75 11.54
C ILE A 332 4.76 0.41 12.23
N GLN A 333 5.75 0.11 13.08
CA GLN A 333 6.51 1.17 13.75
C GLN A 333 7.19 2.05 12.72
N LYS A 334 7.76 1.43 11.69
CA LYS A 334 8.43 2.20 10.64
C LYS A 334 7.49 3.16 9.92
N GLU A 335 6.33 2.66 9.49
CA GLU A 335 5.36 3.47 8.74
C GLU A 335 4.73 4.54 9.62
N ALA A 336 4.50 4.19 10.89
CA ALA A 336 3.97 5.15 11.84
C ALA A 336 4.96 6.30 12.07
N THR A 337 6.24 5.97 12.11
CA THR A 337 7.25 6.99 12.38
C THR A 337 7.46 7.87 11.14
N TRP A 338 7.41 7.25 9.96
CA TRP A 338 7.45 8.00 8.70
C TRP A 338 6.27 8.96 8.66
N THR A 339 5.09 8.47 9.01
CA THR A 339 3.89 9.30 9.08
C THR A 339 4.10 10.48 10.05
N MET A 340 4.65 10.20 11.24
CA MET A 340 4.95 11.28 12.19
C MET A 340 5.88 12.31 11.57
N SER A 341 6.87 11.85 10.81
CA SER A 341 7.86 12.76 10.23
C SER A 341 7.21 13.77 9.27
N ASN A 342 6.13 13.36 8.63
CA ASN A 342 5.40 14.24 7.71
C ASN A 342 4.38 15.08 8.43
N ILE A 343 4.03 14.71 9.64
CA ILE A 343 3.21 15.57 10.48
C ILE A 343 4.08 16.66 11.13
N THR A 344 5.28 16.29 11.55
CA THR A 344 6.19 17.28 12.14
C THR A 344 6.79 18.24 11.09
N ALA A 345 6.58 17.93 9.81
CA ALA A 345 7.00 18.83 8.75
C ALA A 345 5.92 19.86 8.45
N GLY A 346 4.86 19.85 9.26
CA GLY A 346 3.71 20.71 9.07
C GLY A 346 3.82 22.03 9.80
N ARG A 347 2.67 22.64 10.09
CA ARG A 347 2.60 23.94 10.74
C ARG A 347 2.90 23.83 12.23
N GLN A 348 3.30 24.93 12.83
CA GLN A 348 3.56 24.97 14.26
C GLN A 348 2.37 24.52 15.10
N ASP A 349 1.16 24.85 14.68
CA ASP A 349 -0.02 24.40 15.41
C ASP A 349 -0.21 22.88 15.26
N GLN A 350 0.36 22.31 14.21
CA GLN A 350 0.28 20.86 14.01
C GLN A 350 1.35 20.16 14.83
N ILE A 351 2.56 20.68 14.80
CA ILE A 351 3.60 20.28 15.74
C ILE A 351 3.07 20.33 17.18
N GLN A 352 2.31 21.37 17.51
CA GLN A 352 1.75 21.52 18.85
C GLN A 352 0.82 20.39 19.24
N GLN A 353 0.02 19.92 18.29
CA GLN A 353 -0.86 18.77 18.54
C GLN A 353 -0.06 17.50 18.83
N VAL A 354 1.05 17.35 18.13
CA VAL A 354 1.96 16.22 18.37
C VAL A 354 2.43 16.29 19.83
N VAL A 355 2.85 17.49 20.24
CA VAL A 355 3.21 17.74 21.64
C VAL A 355 2.08 17.40 22.61
N ASN A 356 0.90 17.96 22.36
CA ASN A 356 -0.26 17.77 23.24
C ASN A 356 -0.66 16.30 23.41
N HIS A 357 -0.48 15.53 22.35
CA HIS A 357 -0.84 14.12 22.39
C HIS A 357 0.21 13.26 23.08
N GLY A 358 1.28 13.91 23.53
CA GLY A 358 2.31 13.23 24.30
C GLY A 358 3.20 12.37 23.44
N LEU A 359 3.31 12.74 22.15
CA LEU A 359 4.01 11.90 21.19
C LEU A 359 5.51 12.15 21.13
N VAL A 360 5.98 13.24 21.73
CA VAL A 360 7.42 13.48 21.68
C VAL A 360 8.20 12.41 22.47
N PRO A 361 7.74 12.06 23.69
CA PRO A 361 8.47 10.96 24.35
C PRO A 361 8.49 9.65 23.54
N PHE A 362 7.43 9.40 22.77
CA PHE A 362 7.41 8.20 21.92
C PHE A 362 8.43 8.28 20.79
N LEU A 363 8.63 9.49 20.26
CA LEU A 363 9.68 9.69 19.26
C LEU A 363 11.06 9.52 19.86
N VAL A 364 11.24 10.03 21.08
CA VAL A 364 12.48 9.80 21.81
C VAL A 364 12.71 8.28 22.00
N GLY A 365 11.64 7.56 22.31
CA GLY A 365 11.71 6.12 22.48
C GLY A 365 12.16 5.39 21.22
N VAL A 366 11.54 5.70 20.09
N VAL A 366 11.55 5.71 20.08
CA VAL A 366 11.93 5.08 18.83
CA VAL A 366 11.94 5.05 18.82
C VAL A 366 13.37 5.43 18.45
C VAL A 366 13.33 5.46 18.34
N LEU A 367 13.74 6.70 18.62
CA LEU A 367 15.12 7.10 18.37
C LEU A 367 16.10 6.32 19.26
N SER A 368 15.71 6.05 20.51
CA SER A 368 16.57 5.31 21.44
C SER A 368 16.72 3.82 21.11
N LYS A 369 15.64 3.21 20.63
CA LYS A 369 15.66 1.77 20.39
C LYS A 369 14.56 1.42 19.42
N ALA A 370 14.97 0.95 18.24
CA ALA A 370 14.05 0.49 17.21
C ALA A 370 14.89 -0.11 16.11
N ASP A 371 14.25 -0.78 15.17
CA ASP A 371 14.93 -1.22 13.95
C ASP A 371 15.57 0.01 13.30
N PHE A 372 16.75 -0.16 12.69
CA PHE A 372 17.48 0.98 12.14
C PHE A 372 16.67 1.83 11.15
N LYS A 373 15.93 1.18 10.26
CA LYS A 373 15.10 1.90 9.30
C LYS A 373 14.08 2.81 10.00
N THR A 374 13.54 2.33 11.12
CA THR A 374 12.62 3.11 11.92
C THR A 374 13.35 4.29 12.60
N GLN A 375 14.53 4.03 13.16
CA GLN A 375 15.31 5.08 13.80
C GLN A 375 15.62 6.19 12.81
N LYS A 376 15.80 5.81 11.54
CA LYS A 376 16.07 6.79 10.49
C LYS A 376 14.86 7.67 10.23
N GLU A 377 13.67 7.08 10.19
CA GLU A 377 12.45 7.88 10.08
C GLU A 377 12.27 8.80 11.29
N ALA A 378 12.67 8.32 12.47
CA ALA A 378 12.57 9.13 13.68
C ALA A 378 13.49 10.34 13.57
N ALA A 379 14.70 10.12 13.04
CA ALA A 379 15.66 11.20 12.86
C ALA A 379 15.07 12.26 11.93
N TRP A 380 14.44 11.81 10.84
CA TRP A 380 13.71 12.73 9.96
C TRP A 380 12.62 13.50 10.69
N ALA A 381 11.84 12.80 11.52
CA ALA A 381 10.77 13.44 12.26
C ALA A 381 11.32 14.56 13.15
N ILE A 382 12.48 14.32 13.73
CA ILE A 382 13.11 15.29 14.63
C ILE A 382 13.63 16.50 13.85
N THR A 383 14.33 16.25 12.74
CA THR A 383 14.84 17.34 11.91
C THR A 383 13.73 18.22 11.37
N ASN A 384 12.65 17.61 10.86
CA ASN A 384 11.47 18.36 10.45
C ASN A 384 10.87 19.17 11.59
N TYR A 385 10.72 18.52 12.74
CA TYR A 385 10.23 19.20 13.95
C TYR A 385 11.11 20.43 14.25
N THR A 386 12.42 20.25 14.27
CA THR A 386 13.33 21.34 14.63
C THR A 386 13.40 22.45 13.58
N SER A 387 13.11 22.12 12.33
CA SER A 387 13.06 23.11 11.26
C SER A 387 11.83 24.01 11.35
N GLY A 388 10.68 23.41 11.64
CA GLY A 388 9.44 24.16 11.61
C GLY A 388 8.95 24.66 12.95
N GLY A 389 9.54 24.17 14.03
CA GLY A 389 9.01 24.44 15.35
C GLY A 389 9.37 25.80 15.95
N THR A 390 8.54 26.28 16.87
CA THR A 390 8.88 27.42 17.70
C THR A 390 10.02 27.10 18.65
N VAL A 391 10.57 28.14 19.28
CA VAL A 391 11.62 27.97 20.26
C VAL A 391 11.15 27.12 21.43
N GLU A 392 9.95 27.41 21.94
CA GLU A 392 9.37 26.71 23.08
C GLU A 392 9.19 25.21 22.75
N GLN A 393 8.75 24.93 21.53
CA GLN A 393 8.60 23.54 21.08
C GLN A 393 9.95 22.83 21.01
N ILE A 394 10.96 23.53 20.52
CA ILE A 394 12.28 22.94 20.36
C ILE A 394 12.92 22.65 21.71
N VAL A 395 12.80 23.61 22.62
CA VAL A 395 13.23 23.44 24.02
C VAL A 395 12.60 22.20 24.65
N TYR A 396 11.29 22.07 24.50
CA TYR A 396 10.54 20.91 24.99
C TYR A 396 11.14 19.58 24.53
N LEU A 397 11.56 19.54 23.28
CA LEU A 397 12.19 18.38 22.70
C LEU A 397 13.44 17.99 23.50
N VAL A 398 14.22 19.00 23.88
CA VAL A 398 15.42 18.74 24.66
C VAL A 398 15.04 18.25 26.06
N HIS A 399 14.04 18.86 26.66
CA HIS A 399 13.57 18.43 27.98
C HIS A 399 13.05 16.99 27.99
N CYS A 400 12.60 16.49 26.84
CA CYS A 400 12.12 15.11 26.74
C CYS A 400 13.24 14.10 26.59
N GLY A 401 14.46 14.60 26.41
CA GLY A 401 15.62 13.74 26.35
C GLY A 401 16.05 13.40 24.93
N ILE A 402 15.82 14.29 23.99
CA ILE A 402 16.16 13.99 22.60
C ILE A 402 17.68 13.90 22.33
N ILE A 403 18.47 14.61 23.12
CA ILE A 403 19.88 14.81 22.78
C ILE A 403 20.70 13.53 22.83
N GLU A 404 20.61 12.78 23.93
CA GLU A 404 21.43 11.57 24.02
C GLU A 404 21.17 10.53 22.91
N PRO A 405 19.93 10.11 22.65
CA PRO A 405 19.72 9.15 21.55
C PRO A 405 20.10 9.72 20.19
N LEU A 406 19.90 11.02 19.95
CA LEU A 406 20.38 11.64 18.72
C LEU A 406 21.88 11.45 18.58
N MET A 407 22.64 11.74 19.64
CA MET A 407 24.10 11.61 19.58
C MET A 407 24.52 10.18 19.33
N ASN A 408 23.86 9.23 20.00
CA ASN A 408 24.22 7.82 19.84
C ASN A 408 24.13 7.35 18.39
N LEU A 409 23.22 7.95 17.63
CA LEU A 409 23.01 7.56 16.24
C LEU A 409 24.06 8.14 15.29
N LEU A 410 24.92 9.01 15.78
CA LEU A 410 25.97 9.57 14.94
C LEU A 410 27.07 8.55 14.64
N SER A 411 27.01 7.41 15.32
CA SER A 411 27.99 6.36 15.10
C SER A 411 27.51 5.38 14.03
N ALA A 412 26.44 5.76 13.33
CA ALA A 412 25.84 4.88 12.32
C ALA A 412 26.58 4.97 10.99
N LYS A 413 26.73 3.83 10.32
CA LYS A 413 27.40 3.78 9.03
C LYS A 413 26.45 4.12 7.88
N ASP A 414 25.68 5.20 8.05
CA ASP A 414 24.76 5.66 7.02
C ASP A 414 24.91 7.18 6.88
N THR A 415 25.39 7.62 5.73
CA THR A 415 25.74 9.02 5.53
C THR A 415 24.52 9.93 5.61
N LYS A 416 23.37 9.46 5.13
CA LYS A 416 22.19 10.30 5.09
C LYS A 416 21.64 10.64 6.48
N ILE A 417 21.59 9.65 7.37
CA ILE A 417 21.05 9.91 8.71
C ILE A 417 21.96 10.86 9.51
N ILE A 418 23.27 10.77 9.25
CA ILE A 418 24.22 11.66 9.91
C ILE A 418 23.96 13.11 9.53
N GLN A 419 23.78 13.34 8.23
CA GLN A 419 23.44 14.67 7.74
C GLN A 419 22.15 15.16 8.39
N VAL A 420 21.17 14.26 8.49
CA VAL A 420 19.88 14.57 9.08
C VAL A 420 20.02 14.97 10.56
N ILE A 421 20.80 14.20 11.31
CA ILE A 421 21.01 14.50 12.73
C ILE A 421 21.78 15.80 12.93
N LEU A 422 22.80 16.01 12.10
CA LEU A 422 23.61 17.23 12.17
C LEU A 422 22.76 18.47 11.95
N ASP A 423 21.80 18.37 11.04
CA ASP A 423 20.86 19.47 10.79
C ASP A 423 20.00 19.76 12.00
N ALA A 424 19.59 18.68 12.68
CA ALA A 424 18.74 18.83 13.86
C ALA A 424 19.51 19.56 14.96
N ILE A 425 20.75 19.14 15.17
CA ILE A 425 21.61 19.73 16.19
C ILE A 425 21.78 21.22 15.91
N SER A 426 22.01 21.54 14.64
CA SER A 426 22.11 22.92 14.20
C SER A 426 20.84 23.68 14.54
N ASN A 427 19.69 23.11 14.22
CA ASN A 427 18.42 23.76 14.50
C ASN A 427 18.16 23.94 15.99
N ILE A 428 18.64 22.99 16.79
CA ILE A 428 18.43 23.09 18.23
C ILE A 428 19.33 24.19 18.80
N PHE A 429 20.59 24.22 18.36
CA PHE A 429 21.49 25.31 18.73
C PHE A 429 20.91 26.69 18.38
N GLN A 430 20.35 26.82 17.19
CA GLN A 430 19.74 28.06 16.76
C GLN A 430 18.66 28.57 17.72
N ALA A 431 17.84 27.67 18.23
CA ALA A 431 16.82 28.05 19.20
C ALA A 431 17.47 28.39 20.54
N ALA A 432 18.62 27.75 20.81
CA ALA A 432 19.34 27.97 22.05
C ALA A 432 20.01 29.34 22.07
N GLU A 433 20.50 29.77 20.90
CA GLU A 433 21.07 31.11 20.74
C GLU A 433 20.07 32.19 21.10
N LYS A 434 18.83 32.04 20.63
CA LYS A 434 17.77 33.01 20.92
C LYS A 434 17.45 33.09 22.41
N LEU A 435 17.92 32.12 23.18
CA LEU A 435 17.71 32.10 24.62
C LEU A 435 19.02 32.37 25.38
N GLY A 436 20.12 32.45 24.65
CA GLY A 436 21.42 32.64 25.24
C GLY A 436 21.83 31.45 26.11
N GLU A 437 21.46 30.25 25.67
CA GLU A 437 21.73 29.05 26.44
C GLU A 437 22.52 28.03 25.63
N THR A 438 23.33 28.54 24.71
CA THR A 438 24.17 27.70 23.88
C THR A 438 25.13 26.83 24.70
N GLU A 439 25.81 27.44 25.67
CA GLU A 439 26.78 26.73 26.50
C GLU A 439 26.14 25.54 27.23
N LYS A 440 24.96 25.75 27.81
CA LYS A 440 24.24 24.68 28.51
C LYS A 440 23.98 23.49 27.58
N LEU A 441 23.63 23.80 26.33
CA LEU A 441 23.42 22.75 25.33
C LEU A 441 24.73 22.06 24.96
N SER A 442 25.79 22.84 24.84
CA SER A 442 27.10 22.30 24.48
C SER A 442 27.57 21.29 25.52
N ILE A 443 27.31 21.57 26.78
CA ILE A 443 27.71 20.68 27.87
C ILE A 443 26.93 19.36 27.82
N MET A 444 25.62 19.46 27.59
CA MET A 444 24.78 18.28 27.45
C MET A 444 25.33 17.36 26.38
N ILE A 445 25.69 17.95 25.24
CA ILE A 445 26.24 17.19 24.13
C ILE A 445 27.59 16.61 24.50
N GLU A 446 28.39 17.36 25.26
CA GLU A 446 29.70 16.89 25.70
C GLU A 446 29.58 15.73 26.68
N GLU A 447 28.66 15.86 27.63
CA GLU A 447 28.49 14.85 28.68
C GLU A 447 28.07 13.47 28.19
N CYS A 448 27.29 13.42 27.12
CA CYS A 448 26.76 12.14 26.64
C CYS A 448 27.64 11.51 25.56
N GLY A 449 28.78 12.15 25.27
CA GLY A 449 29.73 11.60 24.31
C GLY A 449 29.52 12.14 22.92
N GLY A 450 28.66 13.15 22.80
CA GLY A 450 28.29 13.70 21.51
C GLY A 450 29.42 14.47 20.85
N LEU A 451 30.15 15.25 21.64
CA LEU A 451 31.25 16.05 21.12
C LEU A 451 32.33 15.18 20.47
N ASP A 452 32.62 14.04 21.09
CA ASP A 452 33.57 13.08 20.52
C ASP A 452 33.15 12.63 19.13
N LYS A 453 31.86 12.44 18.94
CA LYS A 453 31.32 11.96 17.67
C LYS A 453 31.31 13.07 16.61
N ILE A 454 30.93 14.27 17.01
CA ILE A 454 30.90 15.39 16.07
C ILE A 454 32.30 15.79 15.63
N GLU A 455 33.23 15.82 16.59
CA GLU A 455 34.62 16.19 16.31
C GLU A 455 35.27 15.18 15.36
N ALA A 456 34.96 13.90 15.56
CA ALA A 456 35.46 12.85 14.69
C ALA A 456 34.89 12.95 13.27
N LEU A 457 33.68 13.50 13.17
CA LEU A 457 33.00 13.61 11.89
C LEU A 457 33.58 14.71 10.99
N GLN A 458 34.48 15.52 11.53
CA GLN A 458 35.18 16.51 10.73
C GLN A 458 36.09 15.77 9.72
N ARG A 459 36.59 14.61 10.15
CA ARG A 459 37.42 13.76 9.30
C ARG A 459 36.61 12.66 8.62
N HIS A 460 35.45 13.02 8.09
CA HIS A 460 34.55 12.05 7.48
C HIS A 460 34.64 12.09 5.95
N GLU A 461 34.56 10.92 5.33
CA GLU A 461 34.68 10.77 3.88
C GLU A 461 33.49 11.32 3.10
N ASN A 462 33.10 12.55 3.43
CA ASN A 462 31.97 13.21 2.77
C ASN A 462 32.05 14.71 3.00
N GLU A 463 31.82 15.49 1.94
CA GLU A 463 31.92 16.94 2.02
C GLU A 463 30.89 17.54 2.96
N SER A 464 29.62 17.21 2.74
CA SER A 464 28.53 17.78 3.50
C SER A 464 28.60 17.44 4.99
N VAL A 465 29.02 16.22 5.30
CA VAL A 465 29.18 15.78 6.68
C VAL A 465 30.28 16.57 7.39
N TYR A 466 31.46 16.62 6.77
CA TYR A 466 32.61 17.31 7.35
C TYR A 466 32.33 18.79 7.58
N LYS A 467 31.68 19.43 6.61
CA LYS A 467 31.39 20.85 6.67
C LYS A 467 30.47 21.21 7.85
N ALA A 468 29.41 20.42 8.02
CA ALA A 468 28.43 20.65 9.08
C ALA A 468 29.03 20.40 10.46
N SER A 469 29.89 19.38 10.54
CA SER A 469 30.61 19.06 11.78
C SER A 469 31.53 20.20 12.20
N LEU A 470 32.47 20.53 11.32
CA LEU A 470 33.44 21.59 11.57
C LEU A 470 32.76 22.90 11.92
N ASN A 471 31.64 23.19 11.26
CA ASN A 471 30.84 24.37 11.59
C ASN A 471 30.31 24.32 13.02
N LEU A 472 29.84 23.16 13.46
CA LEU A 472 29.29 23.02 14.81
C LEU A 472 30.38 23.25 15.86
N ILE A 473 31.52 22.60 15.68
CA ILE A 473 32.65 22.74 16.58
C ILE A 473 33.14 24.18 16.64
N GLU A 474 33.44 24.74 15.46
CA GLU A 474 33.95 26.10 15.34
C GLU A 474 32.85 27.16 15.46
N LYS A 475 31.92 26.95 16.38
CA LYS A 475 30.84 27.90 16.60
C LYS A 475 30.22 27.71 17.99
N TYR A 476 30.29 26.48 18.50
CA TYR A 476 29.69 26.16 19.80
C TYR A 476 30.65 25.41 20.71
N PHE A 477 31.66 24.78 20.11
CA PHE A 477 32.64 24.00 20.89
C PHE A 477 34.06 24.50 20.67
N LEU B 1 -1.05 -10.55 -3.43
CA LEU B 1 -1.97 -9.41 -3.44
C LEU B 1 -2.30 -8.92 -4.86
N PRO B 2 -1.29 -8.69 -5.73
CA PRO B 2 -1.71 -8.24 -7.07
C PRO B 2 -2.32 -9.37 -7.91
N LYS B 3 -1.88 -10.60 -7.75
CA LYS B 3 -2.48 -11.70 -8.49
C LYS B 3 -2.80 -12.84 -7.53
N ARG B 4 -3.87 -13.57 -7.83
N ARG B 4 -3.88 -13.57 -7.81
CA ARG B 4 -4.32 -14.66 -6.99
CA ARG B 4 -4.35 -14.64 -6.93
C ARG B 4 -4.69 -15.84 -7.87
C ARG B 4 -4.76 -15.84 -7.78
N ARG B 5 -4.19 -17.01 -7.49
CA ARG B 5 -4.52 -18.25 -8.19
C ARG B 5 -5.64 -18.91 -7.40
N ARG B 6 -6.63 -19.48 -8.08
CA ARG B 6 -7.68 -20.18 -7.37
C ARG B 6 -7.29 -21.64 -7.17
N ALA B 7 -6.98 -22.02 -5.94
CA ALA B 7 -6.64 -23.41 -5.59
C ALA B 7 -7.84 -24.34 -5.74
N PRO C 2 8.66 20.51 3.80
CA PRO C 2 9.68 19.46 3.70
C PRO C 2 9.08 18.06 3.70
N LYS C 3 7.89 17.88 3.15
CA LYS C 3 7.23 16.56 3.12
C LYS C 3 8.01 15.57 2.26
N ARG C 4 8.02 14.30 2.66
CA ARG C 4 8.71 13.26 1.90
C ARG C 4 7.75 12.14 1.49
N ARG C 5 7.46 12.04 0.20
CA ARG C 5 6.60 10.96 -0.30
C ARG C 5 7.32 9.61 -0.36
N ARG C 6 6.68 8.62 -0.96
CA ARG C 6 7.26 7.29 -1.13
C ARG C 6 8.16 7.24 -2.36
#